data_5FTY
#
_entry.id   5FTY
#
_cell.length_a   54.668
_cell.length_b   48.988
_cell.length_c   91.812
_cell.angle_alpha   90.00
_cell.angle_beta   99.86
_cell.angle_gamma   90.00
#
_symmetry.space_group_name_H-M   'P 1 21 1'
#
loop_
_entity.id
_entity.type
_entity.pdbx_description
1 polymer 'SURFACE LAYER PROTEIN'
2 non-polymer 'CALCIUM ION'
3 water water
#
_entity_poly.entity_id   1
_entity_poly.type   'polypeptide(L)'
_entity_poly.pdbx_seq_one_letter_code
;VNVVAGGPVANYQIKVLDDGKIDKSATESPANNDVQLKVYAVDANGNIVGDITNDVTITSEATDTNGVIVNASKSTANGD
TVYVITDNGSKKVGKETLTVKLGTVTLGTVDVEVIDTTLKATVVTKKADLIELDAADNGDALAKLLANLDIKDQNGNPMV
DSAATPNTNEKLQALKSVLSGIVSSDTSVIGSVSNVDNLKDDASISGLAVKKAGTVTLTLVFNEDSKIAPIAITVKAPAA
T
;
_entity_poly.pdbx_strand_id   A,B
#
loop_
_chem_comp.id
_chem_comp.type
_chem_comp.name
_chem_comp.formula
CA non-polymer 'CALCIUM ION' 'Ca 2'
#
# COMPACT_ATOMS: atom_id res chain seq x y z
N VAL A 9 -17.63 5.23 -16.78
CA VAL A 9 -16.32 5.00 -16.16
C VAL A 9 -15.46 6.27 -16.16
N ALA A 10 -15.14 6.74 -14.96
CA ALA A 10 -14.29 7.90 -14.82
C ALA A 10 -12.84 7.54 -15.17
N ASN A 11 -12.41 6.38 -14.67
CA ASN A 11 -11.05 5.90 -14.90
C ASN A 11 -10.89 4.46 -14.42
N TYR A 12 -9.65 3.97 -14.45
CA TYR A 12 -9.37 2.60 -14.02
C TYR A 12 -8.39 2.58 -12.85
N GLN A 13 -8.55 1.58 -11.98
CA GLN A 13 -7.65 1.43 -10.83
C GLN A 13 -6.91 0.09 -10.89
N ILE A 14 -5.58 0.16 -10.86
CA ILE A 14 -4.76 -1.04 -10.73
C ILE A 14 -4.49 -1.27 -9.25
N LYS A 15 -5.01 -2.37 -8.73
CA LYS A 15 -4.95 -2.64 -7.31
C LYS A 15 -3.86 -3.66 -6.97
N VAL A 16 -3.03 -3.33 -5.99
CA VAL A 16 -2.06 -4.28 -5.47
C VAL A 16 -2.59 -4.91 -4.20
N LEU A 17 -2.86 -6.21 -4.25
CA LEU A 17 -3.46 -6.90 -3.11
C LEU A 17 -2.44 -7.16 -2.00
N ASP A 18 -1.17 -7.34 -2.37
CA ASP A 18 -0.13 -7.66 -1.40
C ASP A 18 0.79 -6.49 -1.09
N ASP A 19 2.07 -6.79 -0.88
CA ASP A 19 3.07 -5.77 -0.56
C ASP A 19 3.74 -5.25 -1.82
N GLY A 20 3.34 -5.81 -2.97
CA GLY A 20 3.89 -5.38 -4.25
C GLY A 20 5.34 -5.77 -4.45
N LYS A 21 5.86 -6.64 -3.58
CA LYS A 21 7.25 -7.07 -3.69
C LYS A 21 7.37 -8.57 -3.91
N ILE A 22 8.42 -8.97 -4.62
CA ILE A 22 8.71 -10.38 -4.83
C ILE A 22 10.09 -10.69 -4.26
N ASP A 23 10.13 -11.52 -3.21
CA ASP A 23 11.41 -11.87 -2.60
C ASP A 23 12.14 -12.92 -3.42
N LYS A 24 13.35 -12.57 -3.87
CA LYS A 24 14.16 -13.45 -4.67
C LYS A 24 14.86 -14.49 -3.79
N SER A 25 14.79 -14.29 -2.48
CA SER A 25 15.38 -15.22 -1.52
C SER A 25 14.74 -16.60 -1.62
N ALA A 26 15.39 -17.59 -1.02
CA ALA A 26 14.89 -18.95 -1.06
C ALA A 26 14.27 -19.37 0.28
N THR A 27 14.58 -18.62 1.33
CA THR A 27 14.19 -19.03 2.68
C THR A 27 13.50 -17.94 3.50
N GLU A 28 12.75 -17.04 2.86
CA GLU A 28 12.07 -15.99 3.61
C GLU A 28 10.76 -16.50 4.22
N SER A 29 10.43 -15.98 5.40
CA SER A 29 9.19 -16.35 6.07
C SER A 29 8.48 -15.11 6.59
N PRO A 30 7.22 -14.90 6.16
CA PRO A 30 6.44 -15.77 5.27
C PRO A 30 6.92 -15.70 3.82
N ALA A 31 6.54 -16.70 3.02
CA ALA A 31 6.90 -16.74 1.61
C ALA A 31 6.34 -15.54 0.86
N ASN A 32 7.23 -14.78 0.24
CA ASN A 32 6.85 -13.57 -0.48
C ASN A 32 7.21 -13.69 -1.96
N ASN A 33 6.57 -14.63 -2.64
CA ASN A 33 6.97 -15.02 -3.99
C ASN A 33 6.14 -14.49 -5.15
N ASP A 34 5.22 -13.55 -4.88
CA ASP A 34 4.40 -12.99 -5.95
C ASP A 34 3.84 -11.60 -5.65
N VAL A 35 3.30 -10.96 -6.70
CA VAL A 35 2.51 -9.76 -6.54
C VAL A 35 1.11 -10.03 -7.09
N GLN A 36 0.09 -9.62 -6.36
CA GLN A 36 -1.28 -9.88 -6.80
C GLN A 36 -1.95 -8.61 -7.31
N LEU A 37 -2.47 -8.67 -8.53
CA LEU A 37 -3.04 -7.50 -9.18
C LEU A 37 -4.52 -7.68 -9.55
N LYS A 38 -5.31 -6.66 -9.22
CA LYS A 38 -6.69 -6.58 -9.67
C LYS A 38 -6.85 -5.28 -10.44
N VAL A 39 -7.70 -5.28 -11.46
CA VAL A 39 -7.97 -4.07 -12.21
C VAL A 39 -9.45 -3.76 -12.18
N TYR A 40 -9.81 -2.66 -11.54
CA TYR A 40 -11.20 -2.25 -11.46
C TYR A 40 -11.47 -1.07 -12.37
N ALA A 41 -12.69 -0.98 -12.88
CA ALA A 41 -13.16 0.23 -13.54
C ALA A 41 -14.16 0.92 -12.61
N VAL A 42 -13.97 2.22 -12.40
CA VAL A 42 -14.79 2.95 -11.46
C VAL A 42 -15.58 4.06 -12.15
N ASP A 43 -16.70 4.46 -11.55
CA ASP A 43 -17.51 5.54 -12.12
C ASP A 43 -17.05 6.90 -11.61
N ALA A 44 -17.77 7.95 -12.00
CA ALA A 44 -17.42 9.31 -11.61
C ALA A 44 -17.51 9.54 -10.11
N ASN A 45 -18.39 8.80 -9.44
CA ASN A 45 -18.56 8.96 -8.00
C ASN A 45 -17.63 8.07 -7.16
N GLY A 46 -16.71 7.39 -7.84
CA GLY A 46 -15.70 6.59 -7.16
C GLY A 46 -16.14 5.17 -6.87
N ASN A 47 -17.26 4.75 -7.45
CA ASN A 47 -17.80 3.41 -7.23
C ASN A 47 -17.26 2.38 -8.21
N ILE A 48 -16.94 1.19 -7.70
CA ILE A 48 -16.50 0.09 -8.55
C ILE A 48 -17.67 -0.39 -9.41
N VAL A 49 -17.49 -0.33 -10.72
CA VAL A 49 -18.53 -0.74 -11.65
C VAL A 49 -18.09 -1.91 -12.52
N GLY A 50 -16.94 -2.50 -12.21
CA GLY A 50 -16.45 -3.65 -12.94
C GLY A 50 -15.09 -4.16 -12.53
N ASP A 51 -14.96 -5.49 -12.51
CA ASP A 51 -13.68 -6.15 -12.28
C ASP A 51 -13.21 -6.74 -13.61
N ILE A 52 -12.32 -6.02 -14.29
CA ILE A 52 -11.91 -6.40 -15.64
C ILE A 52 -10.51 -7.01 -15.68
N THR A 53 -10.11 -7.64 -14.58
CA THR A 53 -8.79 -8.26 -14.49
C THR A 53 -8.61 -9.35 -15.54
N ASN A 54 -9.71 -10.01 -15.90
CA ASN A 54 -9.67 -11.10 -16.86
C ASN A 54 -9.60 -10.59 -18.29
N ASP A 55 -10.10 -9.38 -18.51
CA ASP A 55 -10.22 -8.84 -19.86
C ASP A 55 -9.00 -8.01 -20.27
N VAL A 56 -8.00 -7.94 -19.40
CA VAL A 56 -6.80 -7.17 -19.68
C VAL A 56 -5.57 -8.04 -19.92
N THR A 57 -4.53 -7.43 -20.47
CA THR A 57 -3.24 -8.10 -20.64
C THR A 57 -2.14 -7.32 -19.94
N ILE A 58 -1.36 -8.00 -19.09
CA ILE A 58 -0.29 -7.35 -18.36
C ILE A 58 1.09 -7.81 -18.83
N THR A 59 1.89 -6.86 -19.32
CA THR A 59 3.21 -7.16 -19.85
C THR A 59 4.29 -6.21 -19.34
N SER A 60 5.52 -6.71 -19.28
CA SER A 60 6.68 -5.87 -19.02
C SER A 60 7.44 -5.66 -20.32
N GLU A 61 8.64 -5.07 -20.21
CA GLU A 61 9.48 -4.81 -21.38
C GLU A 61 9.80 -6.10 -22.13
N ALA A 62 9.82 -6.01 -23.46
CA ALA A 62 10.06 -7.18 -24.30
C ALA A 62 11.51 -7.66 -24.20
N THR A 63 12.41 -6.71 -23.94
CA THR A 63 13.82 -7.03 -23.77
C THR A 63 14.31 -6.47 -22.43
N ASP A 64 14.94 -7.33 -21.63
CA ASP A 64 15.39 -6.95 -20.29
C ASP A 64 16.42 -5.82 -20.34
N THR A 65 16.27 -4.85 -19.44
CA THR A 65 17.18 -3.71 -19.40
C THR A 65 17.72 -3.43 -17.99
N ASN A 66 17.17 -4.13 -17.00
CA ASN A 66 17.54 -3.85 -15.62
C ASN A 66 17.87 -5.10 -14.80
N GLY A 67 17.82 -6.26 -15.44
CA GLY A 67 18.12 -7.51 -14.75
C GLY A 67 16.98 -8.01 -13.90
N VAL A 68 15.86 -7.29 -13.90
CA VAL A 68 14.66 -7.71 -13.19
C VAL A 68 13.66 -8.31 -14.17
N ILE A 69 13.53 -9.63 -14.15
CA ILE A 69 12.63 -10.33 -15.07
C ILE A 69 11.50 -11.04 -14.33
N VAL A 70 10.26 -10.64 -14.63
CA VAL A 70 9.09 -11.21 -13.96
C VAL A 70 8.13 -11.89 -14.94
N ASN A 71 7.13 -12.60 -14.40
CA ASN A 71 6.14 -13.29 -15.22
C ASN A 71 4.71 -12.95 -14.82
N ALA A 72 3.90 -12.53 -15.78
CA ALA A 72 2.51 -12.16 -15.51
C ALA A 72 1.51 -13.20 -16.03
N SER A 73 0.84 -13.89 -15.12
CA SER A 73 -0.11 -14.93 -15.48
C SER A 73 -1.42 -14.79 -14.71
N LYS A 74 -2.54 -15.10 -15.36
CA LYS A 74 -3.85 -15.00 -14.72
C LYS A 74 -4.12 -16.20 -13.81
N SER A 75 -5.11 -16.04 -12.93
CA SER A 75 -5.46 -17.08 -11.96
C SER A 75 -6.92 -16.95 -11.56
N THR A 76 -7.78 -17.75 -12.18
CA THR A 76 -9.21 -17.60 -12.03
C THR A 76 -9.82 -18.59 -11.04
N ALA A 77 -10.37 -18.08 -9.94
CA ALA A 77 -11.02 -18.90 -8.93
C ALA A 77 -12.44 -18.42 -8.63
N ASN A 78 -13.42 -19.27 -8.89
CA ASN A 78 -14.83 -18.97 -8.64
C ASN A 78 -15.31 -17.72 -9.36
N GLY A 79 -14.88 -17.56 -10.61
CA GLY A 79 -15.27 -16.43 -11.42
C GLY A 79 -14.44 -15.20 -11.11
N ASP A 80 -13.49 -15.37 -10.19
CA ASP A 80 -12.62 -14.28 -9.76
C ASP A 80 -11.19 -14.55 -10.17
N THR A 81 -10.65 -13.69 -11.04
CA THR A 81 -9.30 -13.87 -11.54
C THR A 81 -8.36 -12.79 -11.01
N VAL A 82 -7.17 -13.21 -10.60
CA VAL A 82 -6.14 -12.28 -10.14
C VAL A 82 -4.91 -12.42 -11.03
N TYR A 83 -4.34 -11.29 -11.44
CA TYR A 83 -3.08 -11.33 -12.18
C TYR A 83 -1.92 -11.56 -11.21
N VAL A 84 -1.27 -12.72 -11.35
CA VAL A 84 -0.17 -13.08 -10.47
C VAL A 84 1.19 -12.85 -11.12
N ILE A 85 2.00 -12.02 -10.48
CA ILE A 85 3.33 -11.70 -10.99
C ILE A 85 4.39 -12.49 -10.25
N THR A 86 5.09 -13.37 -10.97
CA THR A 86 6.12 -14.21 -10.38
C THR A 86 7.51 -13.90 -10.94
N ASP A 87 8.54 -14.44 -10.29
CA ASP A 87 9.92 -14.24 -10.74
C ASP A 87 10.27 -15.14 -11.92
N ASN A 88 10.98 -14.58 -12.89
CA ASN A 88 11.43 -15.35 -14.05
C ASN A 88 12.93 -15.22 -14.29
N GLY A 89 13.71 -15.56 -13.27
CA GLY A 89 15.16 -15.59 -13.39
C GLY A 89 15.83 -14.24 -13.37
N SER A 90 15.34 -13.34 -12.53
CA SER A 90 15.95 -12.03 -12.36
C SER A 90 17.30 -12.14 -11.66
N LYS A 91 18.29 -11.40 -12.17
CA LYS A 91 19.64 -11.46 -11.61
C LYS A 91 19.96 -10.25 -10.73
N LYS A 92 19.14 -9.21 -10.84
CA LYS A 92 19.29 -8.03 -9.99
C LYS A 92 18.00 -7.77 -9.22
N VAL A 93 18.05 -6.79 -8.33
CA VAL A 93 16.85 -6.38 -7.59
C VAL A 93 16.44 -4.97 -8.02
N GLY A 94 15.15 -4.67 -7.92
CA GLY A 94 14.66 -3.34 -8.25
C GLY A 94 13.28 -3.29 -8.87
N LYS A 95 12.93 -2.14 -9.43
CA LYS A 95 11.60 -1.90 -9.95
C LYS A 95 11.43 -2.43 -11.38
N GLU A 96 10.25 -2.98 -11.65
CA GLU A 96 9.91 -3.44 -12.99
C GLU A 96 8.54 -2.89 -13.38
N THR A 97 8.51 -2.04 -14.40
CA THR A 97 7.27 -1.43 -14.84
C THR A 97 6.38 -2.41 -15.57
N LEU A 98 5.16 -2.59 -15.07
CA LEU A 98 4.19 -3.45 -15.73
C LEU A 98 3.14 -2.60 -16.46
N THR A 99 2.89 -2.93 -17.72
CA THR A 99 1.93 -2.18 -18.53
C THR A 99 0.63 -2.94 -18.71
N VAL A 100 -0.47 -2.32 -18.30
CA VAL A 100 -1.78 -2.96 -18.38
C VAL A 100 -2.56 -2.51 -19.61
N LYS A 101 -2.93 -3.46 -20.45
CA LYS A 101 -3.64 -3.14 -21.69
C LYS A 101 -5.00 -3.83 -21.81
N LEU A 102 -5.97 -3.10 -22.35
CA LEU A 102 -7.21 -3.70 -22.81
C LEU A 102 -7.13 -3.83 -24.32
N GLY A 103 -6.59 -4.96 -24.79
CA GLY A 103 -6.41 -5.16 -26.21
C GLY A 103 -5.30 -4.31 -26.79
N THR A 104 -5.66 -3.11 -27.26
CA THR A 104 -4.69 -2.19 -27.83
C THR A 104 -4.49 -0.99 -26.91
N VAL A 105 -5.47 -0.76 -26.04
CA VAL A 105 -5.51 0.44 -25.21
C VAL A 105 -4.81 0.28 -23.87
N THR A 106 -3.83 1.13 -23.61
CA THR A 106 -3.17 1.16 -22.31
C THR A 106 -4.10 1.78 -21.27
N LEU A 107 -4.36 1.04 -20.19
CA LEU A 107 -5.21 1.55 -19.12
C LEU A 107 -4.39 2.26 -18.06
N GLY A 108 -3.31 1.62 -17.62
CA GLY A 108 -2.43 2.19 -16.62
C GLY A 108 -1.10 1.48 -16.49
N THR A 109 -0.35 1.82 -15.45
CA THR A 109 0.97 1.25 -15.21
C THR A 109 1.20 1.04 -13.71
N VAL A 110 1.78 -0.09 -13.34
CA VAL A 110 2.10 -0.37 -11.95
C VAL A 110 3.52 -0.91 -11.81
N ASP A 111 4.21 -0.50 -10.76
CA ASP A 111 5.58 -0.98 -10.51
C ASP A 111 5.61 -2.08 -9.45
N VAL A 112 6.08 -3.25 -9.85
CA VAL A 112 6.37 -4.32 -8.90
C VAL A 112 7.85 -4.26 -8.56
N GLU A 113 8.22 -4.72 -7.36
CA GLU A 113 9.61 -4.64 -6.92
C GLU A 113 10.18 -6.00 -6.54
N VAL A 114 11.33 -6.35 -7.10
CA VAL A 114 12.04 -7.55 -6.71
C VAL A 114 13.07 -7.24 -5.63
N ILE A 115 12.99 -7.95 -4.51
CA ILE A 115 13.93 -7.75 -3.42
C ILE A 115 14.64 -9.06 -3.08
N ASP A 116 15.74 -8.96 -2.33
CA ASP A 116 16.45 -10.15 -1.87
C ASP A 116 16.87 -9.98 -0.41
N THR A 117 16.09 -10.55 0.49
CA THR A 117 16.35 -10.44 1.92
C THR A 117 17.20 -11.59 2.44
N THR A 118 17.92 -12.25 1.54
CA THR A 118 18.82 -13.35 1.92
C THR A 118 19.89 -12.85 2.89
N LEU A 119 20.22 -13.67 3.86
CA LEU A 119 21.17 -13.29 4.89
C LEU A 119 22.62 -13.33 4.42
N LYS A 120 23.23 -12.15 4.35
CA LYS A 120 24.64 -12.05 3.98
C LYS A 120 25.47 -11.67 5.20
N ALA A 121 26.67 -12.24 5.30
CA ALA A 121 27.61 -11.84 6.35
C ALA A 121 28.11 -10.43 6.08
N THR A 122 27.89 -9.53 7.04
CA THR A 122 28.20 -8.11 6.86
C THR A 122 29.21 -7.60 7.87
N VAL A 123 29.13 -8.09 9.11
CA VAL A 123 30.03 -7.64 10.17
C VAL A 123 30.76 -8.81 10.83
N VAL A 124 32.07 -8.66 10.99
CA VAL A 124 32.87 -9.66 11.70
C VAL A 124 33.85 -9.00 12.67
N THR A 125 33.73 -9.33 13.95
CA THR A 125 34.64 -8.82 14.97
C THR A 125 35.22 -9.95 15.82
N LYS A 126 36.38 -9.69 16.43
CA LYS A 126 37.00 -10.66 17.32
C LYS A 126 36.68 -10.30 18.77
N LYS A 127 36.47 -11.32 19.59
CA LYS A 127 36.18 -11.11 21.01
C LYS A 127 37.47 -10.87 21.79
N ALA A 128 38.28 -11.92 21.91
CA ALA A 128 39.58 -11.80 22.57
C ALA A 128 40.69 -11.63 21.53
N ASP A 129 41.86 -11.19 21.98
CA ASP A 129 43.02 -11.03 21.12
C ASP A 129 43.83 -12.32 21.06
N LEU A 130 43.70 -13.14 22.10
CA LEU A 130 44.41 -14.40 22.18
C LEU A 130 43.45 -15.54 22.48
N ILE A 131 43.76 -16.72 21.94
CA ILE A 131 43.05 -17.94 22.32
C ILE A 131 44.06 -19.05 22.62
N GLU A 132 43.78 -19.84 23.66
CA GLU A 132 44.59 -21.00 23.98
C GLU A 132 43.85 -22.28 23.63
N LEU A 133 44.58 -23.36 23.42
CA LEU A 133 43.97 -24.65 23.11
C LEU A 133 44.19 -25.65 24.23
N ASP A 134 43.29 -26.63 24.32
CA ASP A 134 43.45 -27.74 25.25
C ASP A 134 43.24 -29.07 24.53
N ALA A 135 43.19 -30.16 25.29
CA ALA A 135 43.03 -31.49 24.71
C ALA A 135 41.66 -31.67 24.07
N ALA A 136 40.67 -30.94 24.59
CA ALA A 136 39.30 -31.05 24.09
C ALA A 136 39.16 -30.46 22.69
N ASP A 137 40.13 -29.65 22.29
CA ASP A 137 40.15 -29.05 20.96
C ASP A 137 40.63 -30.05 19.92
N ASN A 138 41.24 -31.13 20.39
CA ASN A 138 41.74 -32.21 19.54
C ASN A 138 42.73 -31.78 18.47
N GLY A 139 43.49 -30.73 18.77
CA GLY A 139 44.53 -30.28 17.86
C GLY A 139 44.01 -29.57 16.62
N ASP A 140 43.03 -28.70 16.81
CA ASP A 140 42.51 -27.89 15.72
C ASP A 140 41.93 -26.59 16.29
N ALA A 141 42.42 -25.46 15.81
CA ALA A 141 42.06 -24.17 16.37
C ALA A 141 40.82 -23.54 15.75
N LEU A 142 40.23 -24.20 14.76
CA LEU A 142 39.09 -23.61 14.04
C LEU A 142 37.84 -23.48 14.90
N ALA A 143 37.57 -24.47 15.74
CA ALA A 143 36.40 -24.45 16.60
C ALA A 143 36.45 -23.31 17.60
N LYS A 144 37.64 -23.04 18.10
CA LYS A 144 37.83 -21.97 19.08
C LYS A 144 38.00 -20.60 18.43
N LEU A 145 38.63 -20.56 17.25
CA LEU A 145 38.77 -19.32 16.52
C LEU A 145 37.40 -18.79 16.09
N LEU A 146 36.54 -19.72 15.67
CA LEU A 146 35.19 -19.36 15.26
C LEU A 146 34.38 -18.85 16.44
N ALA A 147 34.54 -19.51 17.58
CA ALA A 147 33.84 -19.12 18.80
C ALA A 147 34.35 -17.77 19.32
N ASN A 148 35.53 -17.38 18.85
CA ASN A 148 36.12 -16.09 19.20
C ASN A 148 35.66 -15.00 18.24
N LEU A 149 34.75 -15.35 17.35
CA LEU A 149 34.27 -14.40 16.34
C LEU A 149 32.78 -14.12 16.45
N ASP A 150 32.39 -12.88 16.15
CA ASP A 150 30.99 -12.50 16.08
C ASP A 150 30.63 -12.08 14.67
N ILE A 151 29.65 -12.77 14.09
CA ILE A 151 29.22 -12.49 12.72
C ILE A 151 27.79 -11.95 12.68
N LYS A 152 27.61 -10.79 12.08
CA LYS A 152 26.29 -10.18 11.93
C LYS A 152 25.91 -10.10 10.45
N ASP A 153 24.62 -9.88 10.19
CA ASP A 153 24.14 -9.81 8.81
C ASP A 153 23.83 -8.38 8.39
N GLN A 154 23.04 -8.24 7.32
CA GLN A 154 22.61 -6.93 6.84
C GLN A 154 21.73 -6.26 7.90
N ASN A 155 20.96 -7.07 8.61
CA ASN A 155 20.07 -6.57 9.64
C ASN A 155 20.76 -6.42 10.98
N GLY A 156 22.04 -6.77 11.03
CA GLY A 156 22.80 -6.68 12.25
C GLY A 156 22.48 -7.79 13.23
N ASN A 157 21.82 -8.83 12.73
CA ASN A 157 21.47 -9.97 13.56
C ASN A 157 22.56 -11.04 13.58
N PRO A 158 22.77 -11.67 14.75
CA PRO A 158 23.79 -12.69 14.96
C PRO A 158 23.68 -13.84 13.96
N MET A 159 24.80 -14.20 13.34
CA MET A 159 24.83 -15.37 12.47
C MET A 159 25.39 -16.56 13.23
N VAL A 160 24.53 -17.54 13.49
CA VAL A 160 24.81 -18.59 14.47
C VAL A 160 24.45 -19.98 13.93
N ASP A 161 25.26 -20.98 14.27
CA ASP A 161 24.93 -22.36 13.97
C ASP A 161 23.67 -22.80 14.71
N SER A 162 22.64 -23.13 13.94
CA SER A 162 21.37 -23.57 14.50
C SER A 162 21.38 -25.08 14.71
N ALA A 163 20.82 -25.52 15.84
CA ALA A 163 20.88 -26.94 16.20
C ALA A 163 19.92 -27.78 15.36
N ALA A 164 18.94 -27.13 14.74
CA ALA A 164 17.97 -27.84 13.92
C ALA A 164 18.50 -28.12 12.52
N THR A 165 19.78 -27.78 12.29
CA THR A 165 20.42 -28.06 11.03
C THR A 165 21.76 -28.74 11.25
N PRO A 166 21.75 -29.96 11.82
CA PRO A 166 22.99 -30.63 12.26
C PRO A 166 23.93 -30.97 11.12
N ASN A 167 23.48 -30.79 9.89
CA ASN A 167 24.31 -31.05 8.72
C ASN A 167 25.48 -30.08 8.60
N THR A 168 25.16 -28.78 8.55
CA THR A 168 26.17 -27.76 8.30
C THR A 168 26.15 -26.65 9.34
N ASN A 169 27.32 -26.05 9.57
CA ASN A 169 27.46 -24.93 10.49
C ASN A 169 27.15 -23.62 9.76
N GLU A 170 26.09 -22.94 10.16
CA GLU A 170 25.70 -21.69 9.51
C GLU A 170 26.68 -20.55 9.79
N LYS A 171 27.37 -20.63 10.92
CA LYS A 171 28.31 -19.60 11.32
C LYS A 171 29.62 -19.73 10.54
N LEU A 172 30.09 -20.97 10.38
CA LEU A 172 31.29 -21.24 9.60
C LEU A 172 31.06 -20.90 8.12
N GLN A 173 29.90 -21.30 7.61
CA GLN A 173 29.53 -21.00 6.22
C GLN A 173 29.42 -19.50 5.98
N ALA A 174 29.02 -18.76 7.00
CA ALA A 174 28.89 -17.31 6.90
C ALA A 174 30.26 -16.64 6.85
N LEU A 175 31.21 -17.21 7.58
CA LEU A 175 32.57 -16.69 7.59
C LEU A 175 33.25 -16.94 6.25
N LYS A 176 33.08 -18.15 5.72
CA LYS A 176 33.72 -18.55 4.47
C LYS A 176 33.14 -17.82 3.26
N SER A 177 31.97 -17.23 3.42
CA SER A 177 31.33 -16.51 2.34
C SER A 177 32.03 -15.18 2.09
N VAL A 178 32.76 -14.70 3.11
CA VAL A 178 33.40 -13.40 3.05
C VAL A 178 34.90 -13.44 3.32
N LEU A 179 35.43 -14.62 3.64
CA LEU A 179 36.84 -14.75 3.95
C LEU A 179 37.67 -15.08 2.70
N SER A 180 38.80 -14.39 2.55
CA SER A 180 39.69 -14.63 1.42
C SER A 180 40.82 -15.59 1.77
N GLY A 181 41.19 -15.62 3.05
CA GLY A 181 42.26 -16.49 3.50
C GLY A 181 42.73 -16.20 4.92
N ILE A 182 43.40 -17.20 5.51
CA ILE A 182 43.96 -17.06 6.85
C ILE A 182 45.46 -17.27 6.79
N VAL A 183 46.23 -16.24 7.13
CA VAL A 183 47.68 -16.34 7.14
C VAL A 183 48.22 -16.67 8.53
N SER A 184 49.09 -17.66 8.60
CA SER A 184 49.76 -18.02 9.84
C SER A 184 51.18 -17.43 9.84
N SER A 185 51.62 -16.97 11.01
CA SER A 185 52.98 -16.42 11.13
C SER A 185 54.00 -17.54 11.17
N ASP A 186 53.53 -18.76 11.37
CA ASP A 186 54.39 -19.93 11.38
C ASP A 186 53.63 -21.14 10.85
N THR A 187 53.88 -21.52 9.61
CA THR A 187 53.20 -22.65 9.00
C THR A 187 53.58 -23.98 9.62
N SER A 188 54.67 -24.00 10.38
CA SER A 188 55.12 -25.21 11.05
C SER A 188 54.20 -25.57 12.22
N VAL A 189 53.66 -24.54 12.87
CA VAL A 189 52.73 -24.75 13.99
C VAL A 189 51.31 -24.97 13.46
N ILE A 190 50.79 -23.99 12.74
CA ILE A 190 49.48 -24.10 12.10
C ILE A 190 49.60 -23.65 10.66
N GLY A 191 49.09 -24.46 9.72
CA GLY A 191 49.18 -24.15 8.31
C GLY A 191 48.29 -23.00 7.90
N SER A 192 48.73 -22.23 6.90
CA SER A 192 47.95 -21.13 6.38
C SER A 192 46.87 -21.63 5.42
N VAL A 193 45.72 -20.98 5.44
CA VAL A 193 44.62 -21.35 4.57
C VAL A 193 44.52 -20.41 3.37
N SER A 194 44.89 -20.90 2.19
CA SER A 194 44.79 -20.13 0.97
C SER A 194 43.44 -20.39 0.29
N ASN A 195 42.97 -21.63 0.39
CA ASN A 195 41.66 -22.01 -0.11
C ASN A 195 40.69 -22.19 1.04
N VAL A 196 39.75 -21.26 1.17
CA VAL A 196 38.83 -21.26 2.31
C VAL A 196 37.88 -22.46 2.30
N ASP A 197 37.77 -23.12 1.15
CA ASP A 197 36.95 -24.32 1.04
C ASP A 197 37.54 -25.49 1.84
N ASN A 198 38.76 -25.31 2.32
CA ASN A 198 39.40 -26.32 3.15
C ASN A 198 38.95 -26.25 4.61
N LEU A 199 38.30 -25.16 4.98
CA LEU A 199 37.63 -25.06 6.27
C LEU A 199 36.36 -25.89 6.17
N LYS A 200 36.48 -27.18 6.46
CA LYS A 200 35.43 -28.16 6.15
C LYS A 200 34.21 -28.09 7.09
N ASP A 201 33.05 -28.47 6.56
CA ASP A 201 31.79 -28.33 7.28
C ASP A 201 31.18 -29.67 7.70
N ASP A 202 31.28 -29.97 8.99
CA ASP A 202 30.69 -31.17 9.58
C ASP A 202 30.34 -30.88 11.03
N ALA A 203 29.94 -31.91 11.76
CA ALA A 203 29.73 -31.76 13.20
C ALA A 203 31.10 -31.54 13.84
N SER A 204 32.10 -32.22 13.29
CA SER A 204 33.49 -31.97 13.63
C SER A 204 34.07 -30.92 12.71
N ILE A 205 34.42 -29.77 13.28
CA ILE A 205 34.97 -28.66 12.50
C ILE A 205 36.50 -28.68 12.47
N SER A 206 37.06 -28.56 11.27
CA SER A 206 38.51 -28.64 11.09
C SER A 206 39.00 -27.77 9.94
N GLY A 207 40.30 -27.49 9.94
CA GLY A 207 40.89 -26.67 8.90
C GLY A 207 42.17 -26.02 9.40
N LEU A 208 42.19 -25.72 10.69
CA LEU A 208 43.37 -25.14 11.32
C LEU A 208 44.05 -26.18 12.20
N ALA A 209 44.53 -27.25 11.59
CA ALA A 209 45.18 -28.34 12.31
C ALA A 209 46.50 -27.91 12.95
N VAL A 210 46.72 -28.35 14.18
CA VAL A 210 47.97 -28.07 14.88
C VAL A 210 49.01 -29.14 14.58
N LYS A 211 50.09 -28.74 13.92
CA LYS A 211 51.13 -29.68 13.51
C LYS A 211 52.27 -29.77 14.54
N LYS A 212 52.28 -28.85 15.50
CA LYS A 212 53.35 -28.77 16.48
C LYS A 212 52.96 -27.82 17.61
N ALA A 213 53.52 -28.04 18.80
CA ALA A 213 53.33 -27.11 19.91
C ALA A 213 53.95 -25.76 19.59
N GLY A 214 53.24 -24.69 19.92
CA GLY A 214 53.73 -23.35 19.67
C GLY A 214 52.68 -22.26 19.76
N THR A 215 53.14 -21.01 19.68
CA THR A 215 52.25 -19.87 19.67
C THR A 215 52.35 -19.17 18.31
N VAL A 216 51.20 -18.81 17.74
CA VAL A 216 51.17 -18.26 16.38
C VAL A 216 50.09 -17.19 16.23
N THR A 217 50.29 -16.28 15.28
CA THR A 217 49.26 -15.28 14.98
C THR A 217 48.53 -15.58 13.67
N LEU A 218 47.25 -15.89 13.79
CA LEU A 218 46.41 -16.12 12.62
C LEU A 218 45.72 -14.83 12.17
N THR A 219 46.02 -14.40 10.95
CA THR A 219 45.44 -13.19 10.40
C THR A 219 44.36 -13.52 9.38
N LEU A 220 43.14 -13.05 9.65
CA LEU A 220 42.02 -13.32 8.76
C LEU A 220 41.81 -12.19 7.75
N VAL A 221 41.97 -12.52 6.47
CA VAL A 221 41.79 -11.53 5.42
C VAL A 221 40.44 -11.74 4.71
N PHE A 222 39.70 -10.66 4.53
CA PHE A 222 38.38 -10.72 3.91
C PHE A 222 38.40 -10.11 2.50
N ASN A 223 37.42 -10.46 1.68
CA ASN A 223 37.35 -9.97 0.30
C ASN A 223 37.11 -8.47 0.19
N GLU A 224 37.30 -7.93 -1.01
CA GLU A 224 37.15 -6.49 -1.24
C GLU A 224 35.69 -6.05 -1.20
N ASP A 225 34.78 -6.98 -1.45
CA ASP A 225 33.35 -6.66 -1.43
C ASP A 225 32.85 -6.36 -0.02
N SER A 226 33.28 -7.17 0.93
CA SER A 226 32.82 -7.05 2.32
C SER A 226 33.36 -5.82 3.03
N LYS A 227 34.47 -5.29 2.54
CA LYS A 227 35.11 -4.10 3.11
C LYS A 227 35.60 -4.30 4.56
N ILE A 228 35.66 -5.55 4.99
CA ILE A 228 36.12 -5.87 6.35
C ILE A 228 37.64 -5.89 6.44
N ALA A 229 38.19 -5.16 7.41
CA ALA A 229 39.64 -5.09 7.60
C ALA A 229 40.18 -6.41 8.17
N PRO A 230 41.46 -6.70 7.93
CA PRO A 230 42.12 -7.90 8.46
C PRO A 230 42.00 -8.03 9.98
N ILE A 231 41.77 -9.25 10.45
CA ILE A 231 41.68 -9.53 11.87
C ILE A 231 42.80 -10.47 12.33
N ALA A 232 43.61 -10.02 13.27
CA ALA A 232 44.73 -10.82 13.79
C ALA A 232 44.40 -11.46 15.14
N ILE A 233 44.44 -12.78 15.17
CA ILE A 233 44.17 -13.53 16.40
C ILE A 233 45.34 -14.43 16.76
N THR A 234 45.97 -14.14 17.90
CA THR A 234 47.05 -14.98 18.41
C THR A 234 46.50 -16.28 18.97
N VAL A 235 47.11 -17.40 18.58
CA VAL A 235 46.68 -18.71 19.04
C VAL A 235 47.81 -19.47 19.73
N LYS A 236 47.61 -19.79 21.00
CA LYS A 236 48.58 -20.62 21.72
C LYS A 236 48.11 -22.07 21.80
N ALA A 237 48.92 -22.97 21.28
CA ALA A 237 48.64 -24.39 21.35
C ALA A 237 49.76 -25.11 22.12
N PRO A 238 49.65 -25.14 23.46
CA PRO A 238 50.68 -25.69 24.33
C PRO A 238 50.80 -27.20 24.18
N ALA A 239 51.95 -27.75 24.59
CA ALA A 239 52.16 -29.19 24.57
C ALA A 239 51.74 -29.79 25.90
N ALA A 240 51.94 -31.09 26.07
CA ALA A 240 51.55 -31.78 27.29
C ALA A 240 52.33 -31.30 28.51
N VAL B 3 -57.15 15.37 -11.08
CA VAL B 3 -57.65 15.84 -12.37
C VAL B 3 -59.18 15.96 -12.33
N VAL B 4 -59.68 17.16 -12.60
CA VAL B 4 -61.11 17.44 -12.49
C VAL B 4 -61.61 18.38 -13.60
N ALA B 5 -62.78 18.06 -14.15
CA ALA B 5 -63.42 18.89 -15.15
C ALA B 5 -63.75 20.29 -14.62
N GLY B 6 -63.38 21.31 -15.39
CA GLY B 6 -63.62 22.68 -14.98
C GLY B 6 -63.72 23.63 -16.16
N GLY B 7 -63.15 24.81 -16.03
CA GLY B 7 -63.16 25.80 -17.09
C GLY B 7 -61.94 25.71 -17.99
N PRO B 8 -61.76 26.68 -18.88
CA PRO B 8 -60.60 26.73 -19.77
C PRO B 8 -59.33 27.06 -18.98
N VAL B 9 -58.16 26.69 -19.52
CA VAL B 9 -56.91 26.91 -18.81
C VAL B 9 -56.60 28.39 -18.62
N ALA B 10 -56.14 28.73 -17.43
CA ALA B 10 -55.76 30.11 -17.12
C ALA B 10 -54.26 30.20 -16.85
N ASN B 11 -53.75 29.28 -16.04
CA ASN B 11 -52.34 29.26 -15.69
C ASN B 11 -51.79 27.83 -15.69
N TYR B 12 -50.51 27.69 -15.40
CA TYR B 12 -49.88 26.38 -15.28
C TYR B 12 -49.06 26.31 -14.00
N GLN B 13 -49.04 25.14 -13.37
CA GLN B 13 -48.30 24.96 -12.13
C GLN B 13 -47.22 23.90 -12.27
N ILE B 14 -45.98 24.29 -11.97
CA ILE B 14 -44.87 23.35 -11.93
C ILE B 14 -44.65 22.91 -10.48
N LYS B 15 -45.03 21.67 -10.20
CA LYS B 15 -44.98 21.15 -8.83
C LYS B 15 -43.71 20.36 -8.56
N VAL B 16 -43.03 20.71 -7.47
CA VAL B 16 -41.89 19.95 -7.00
C VAL B 16 -42.34 19.00 -5.90
N LEU B 17 -42.31 17.71 -6.19
CA LEU B 17 -42.77 16.72 -5.24
C LEU B 17 -41.74 16.51 -4.12
N ASP B 18 -40.46 16.50 -4.50
CA ASP B 18 -39.38 16.29 -3.54
C ASP B 18 -38.88 17.58 -2.92
N ASP B 19 -37.61 17.59 -2.53
CA ASP B 19 -37.00 18.77 -1.91
C ASP B 19 -36.46 19.73 -2.97
N GLY B 20 -36.57 19.34 -4.23
CA GLY B 20 -36.08 20.14 -5.34
C GLY B 20 -34.56 20.19 -5.37
N LYS B 21 -33.93 19.19 -4.77
CA LYS B 21 -32.47 19.14 -4.69
C LYS B 21 -31.88 17.82 -5.19
N ILE B 22 -30.67 17.90 -5.73
CA ILE B 22 -29.93 16.72 -6.17
C ILE B 22 -28.58 16.69 -5.47
N ASP B 23 -28.34 15.66 -4.67
CA ASP B 23 -27.12 15.59 -3.88
C ASP B 23 -25.95 15.00 -4.67
N LYS B 24 -25.01 15.86 -5.05
CA LYS B 24 -23.82 15.45 -5.80
C LYS B 24 -22.93 14.52 -4.97
N SER B 25 -23.22 14.45 -3.67
CA SER B 25 -22.50 13.56 -2.77
C SER B 25 -22.58 12.11 -3.20
N ALA B 26 -21.77 11.26 -2.58
CA ALA B 26 -21.76 9.84 -2.92
C ALA B 26 -22.30 9.00 -1.77
N THR B 27 -22.33 9.57 -0.57
CA THR B 27 -22.72 8.80 0.60
C THR B 27 -23.86 9.42 1.42
N GLU B 28 -24.66 10.29 0.79
CA GLU B 28 -25.77 10.91 1.51
C GLU B 28 -26.84 9.87 1.87
N SER B 29 -27.43 10.02 3.04
CA SER B 29 -28.41 9.07 3.54
C SER B 29 -29.57 9.81 4.21
N PRO B 30 -30.78 9.70 3.62
CA PRO B 30 -31.18 8.88 2.49
C PRO B 30 -30.71 9.45 1.14
N ALA B 31 -30.87 8.64 0.09
CA ALA B 31 -30.47 9.06 -1.25
C ALA B 31 -31.29 10.27 -1.72
N ASN B 32 -30.61 11.20 -2.38
CA ASN B 32 -31.25 12.41 -2.88
C ASN B 32 -30.68 12.81 -4.24
N ASN B 33 -30.89 11.96 -5.24
CA ASN B 33 -30.25 12.14 -6.54
C ASN B 33 -31.20 12.53 -7.67
N ASP B 34 -32.37 13.06 -7.33
CA ASP B 34 -33.33 13.45 -8.35
C ASP B 34 -34.21 14.59 -7.90
N VAL B 35 -34.91 15.19 -8.86
CA VAL B 35 -35.99 16.12 -8.58
C VAL B 35 -37.21 15.60 -9.33
N GLN B 36 -38.35 15.57 -8.64
CA GLN B 36 -39.57 15.04 -9.24
C GLN B 36 -40.54 16.16 -9.59
N LEU B 37 -40.79 16.32 -10.89
CA LEU B 37 -41.60 17.43 -11.39
C LEU B 37 -42.91 16.98 -12.03
N LYS B 38 -43.97 17.73 -11.77
CA LYS B 38 -45.25 17.53 -12.44
C LYS B 38 -45.81 18.87 -12.91
N VAL B 39 -46.53 18.86 -14.03
CA VAL B 39 -47.07 20.08 -14.59
C VAL B 39 -48.60 19.99 -14.69
N TYR B 40 -49.29 20.97 -14.10
CA TYR B 40 -50.74 20.97 -14.12
C TYR B 40 -51.31 22.15 -14.90
N ALA B 41 -52.43 21.92 -15.57
CA ALA B 41 -53.20 23.01 -16.14
C ALA B 41 -54.29 23.40 -15.14
N VAL B 42 -54.55 24.70 -15.05
CA VAL B 42 -55.41 25.23 -13.99
C VAL B 42 -56.38 26.29 -14.53
N ASP B 43 -57.67 26.15 -14.20
CA ASP B 43 -58.64 27.15 -14.60
C ASP B 43 -58.60 28.37 -13.68
N ALA B 44 -59.40 29.38 -14.00
CA ALA B 44 -59.40 30.63 -13.23
C ALA B 44 -59.78 30.43 -11.77
N ASN B 45 -60.26 29.25 -11.42
CA ASN B 45 -60.61 28.95 -10.02
C ASN B 45 -59.65 28.02 -9.30
N GLY B 46 -58.41 27.96 -9.78
CA GLY B 46 -57.39 27.16 -9.13
C GLY B 46 -57.66 25.67 -9.14
N ASN B 47 -58.49 25.21 -10.09
CA ASN B 47 -58.80 23.80 -10.20
C ASN B 47 -57.94 23.12 -11.27
N ILE B 48 -57.30 22.01 -10.91
CA ILE B 48 -56.49 21.25 -11.85
C ILE B 48 -57.38 20.58 -12.91
N VAL B 49 -57.39 21.14 -14.12
CA VAL B 49 -58.17 20.57 -15.20
C VAL B 49 -57.39 19.53 -16.01
N GLY B 50 -56.08 19.47 -15.79
CA GLY B 50 -55.25 18.52 -16.52
C GLY B 50 -53.87 18.29 -15.95
N ASP B 51 -53.40 17.06 -16.07
CA ASP B 51 -52.04 16.68 -15.72
C ASP B 51 -51.26 16.56 -17.01
N ILE B 52 -50.70 17.68 -17.47
CA ILE B 52 -50.07 17.74 -18.79
C ILE B 52 -48.56 17.50 -18.78
N THR B 53 -48.09 16.72 -17.81
CA THR B 53 -46.67 16.49 -17.63
C THR B 53 -46.02 15.82 -18.84
N ASN B 54 -46.72 14.85 -19.43
CA ASN B 54 -46.19 14.13 -20.58
C ASN B 54 -46.20 14.95 -21.87
N ASP B 55 -47.05 15.97 -21.91
CA ASP B 55 -47.24 16.77 -23.11
C ASP B 55 -46.17 17.85 -23.28
N VAL B 56 -45.54 18.23 -22.17
CA VAL B 56 -44.59 19.34 -22.17
C VAL B 56 -43.16 18.87 -22.37
N THR B 57 -42.26 19.81 -22.66
CA THR B 57 -40.83 19.51 -22.78
C THR B 57 -40.04 20.41 -21.84
N ILE B 58 -39.14 19.81 -21.06
CA ILE B 58 -38.31 20.58 -20.13
C ILE B 58 -36.83 20.50 -20.49
N THR B 59 -36.21 21.67 -20.68
CA THR B 59 -34.81 21.73 -21.09
C THR B 59 -33.97 22.63 -20.17
N SER B 60 -32.65 22.52 -20.32
CA SER B 60 -31.72 23.38 -19.59
C SER B 60 -30.88 24.16 -20.61
N GLU B 61 -29.75 24.70 -20.18
CA GLU B 61 -28.84 25.39 -21.10
C GLU B 61 -28.36 24.40 -22.18
N ALA B 62 -28.25 24.89 -23.40
CA ALA B 62 -27.68 24.09 -24.49
C ALA B 62 -26.20 23.89 -24.22
N THR B 63 -25.53 24.98 -23.85
CA THR B 63 -24.13 24.94 -23.45
C THR B 63 -23.98 25.41 -22.00
N ASP B 64 -23.29 24.61 -21.19
CA ASP B 64 -23.16 24.88 -19.76
C ASP B 64 -22.43 26.19 -19.44
N THR B 65 -22.94 26.94 -18.47
CA THR B 65 -22.36 28.23 -18.10
C THR B 65 -22.22 28.43 -16.59
N ASN B 66 -22.27 27.34 -15.81
CA ASN B 66 -22.13 27.46 -14.36
C ASN B 66 -21.55 26.22 -13.66
N GLY B 67 -21.31 25.16 -14.42
CA GLY B 67 -20.78 23.93 -13.85
C GLY B 67 -21.87 22.99 -13.39
N VAL B 68 -23.11 23.46 -13.39
CA VAL B 68 -24.25 22.63 -13.03
C VAL B 68 -24.93 22.07 -14.27
N ILE B 69 -24.77 20.76 -14.47
CA ILE B 69 -25.36 20.09 -15.63
C ILE B 69 -26.34 19.01 -15.17
N VAL B 70 -27.57 19.09 -15.65
CA VAL B 70 -28.61 18.13 -15.27
C VAL B 70 -29.25 17.45 -16.48
N ASN B 71 -29.77 16.25 -16.26
CA ASN B 71 -30.51 15.55 -17.30
C ASN B 71 -32.01 15.59 -17.02
N ALA B 72 -32.81 15.71 -18.06
CA ALA B 72 -34.27 15.72 -17.92
C ALA B 72 -34.92 14.62 -18.73
N SER B 73 -35.52 13.66 -18.04
CA SER B 73 -36.16 12.54 -18.71
C SER B 73 -37.54 12.25 -18.14
N LYS B 74 -38.53 12.10 -19.02
CA LYS B 74 -39.85 11.69 -18.59
C LYS B 74 -39.81 10.26 -18.07
N SER B 75 -40.70 9.96 -17.11
CA SER B 75 -40.81 8.62 -16.56
C SER B 75 -42.27 8.26 -16.39
N THR B 76 -42.90 7.88 -17.50
CA THR B 76 -44.32 7.58 -17.49
C THR B 76 -44.64 6.22 -16.89
N ALA B 77 -45.15 6.22 -15.66
CA ALA B 77 -45.67 5.02 -15.05
C ALA B 77 -47.17 4.95 -15.29
N ASN B 78 -47.76 3.78 -15.10
CA ASN B 78 -49.20 3.64 -15.29
C ASN B 78 -49.98 4.63 -14.43
N GLY B 79 -50.79 5.46 -15.06
CA GLY B 79 -51.58 6.43 -14.34
C GLY B 79 -51.07 7.86 -14.43
N ASP B 80 -49.74 8.04 -14.42
CA ASP B 80 -49.18 9.40 -14.45
C ASP B 80 -47.73 9.45 -14.93
N THR B 81 -47.34 10.61 -15.45
CA THR B 81 -45.98 10.86 -15.91
C THR B 81 -45.25 11.80 -14.96
N VAL B 82 -44.02 11.46 -14.61
CA VAL B 82 -43.21 12.34 -13.76
C VAL B 82 -41.90 12.71 -14.45
N TYR B 83 -41.70 14.00 -14.68
CA TYR B 83 -40.45 14.48 -15.25
C TYR B 83 -39.35 14.35 -14.19
N VAL B 84 -38.33 13.56 -14.49
CA VAL B 84 -37.25 13.30 -13.54
C VAL B 84 -35.97 14.04 -13.92
N ILE B 85 -35.42 14.79 -12.96
CA ILE B 85 -34.20 15.56 -13.18
C ILE B 85 -33.04 14.93 -12.43
N THR B 86 -31.98 14.57 -13.17
CA THR B 86 -30.82 13.92 -12.58
C THR B 86 -29.51 14.67 -12.87
N ASP B 87 -28.53 14.49 -11.99
CA ASP B 87 -27.20 15.09 -12.16
C ASP B 87 -26.48 14.52 -13.38
N ASN B 88 -25.85 15.39 -14.15
CA ASN B 88 -25.13 14.96 -15.35
C ASN B 88 -23.69 15.47 -15.41
N GLY B 89 -22.91 15.12 -14.39
CA GLY B 89 -21.49 15.45 -14.37
C GLY B 89 -21.17 16.83 -13.85
N SER B 90 -21.91 17.28 -12.84
CA SER B 90 -21.69 18.60 -12.24
C SER B 90 -20.32 18.70 -11.59
N LYS B 91 -19.75 19.90 -11.62
CA LYS B 91 -18.46 20.14 -11.00
C LYS B 91 -18.59 21.12 -9.83
N LYS B 92 -19.69 21.88 -9.83
CA LYS B 92 -19.95 22.83 -8.76
C LYS B 92 -21.37 22.67 -8.23
N VAL B 93 -21.66 23.36 -7.13
CA VAL B 93 -23.01 23.44 -6.60
C VAL B 93 -23.68 24.69 -7.17
N GLY B 94 -24.98 24.81 -6.97
CA GLY B 94 -25.69 25.99 -7.44
C GLY B 94 -27.02 25.69 -8.11
N LYS B 95 -27.74 26.76 -8.47
CA LYS B 95 -29.04 26.62 -9.10
C LYS B 95 -28.92 26.37 -10.60
N GLU B 96 -29.92 25.70 -11.15
CA GLU B 96 -30.02 25.51 -12.59
C GLU B 96 -31.45 25.74 -13.06
N THR B 97 -31.62 26.65 -14.02
CA THR B 97 -32.94 27.00 -14.52
C THR B 97 -33.43 26.00 -15.57
N LEU B 98 -34.66 25.53 -15.40
CA LEU B 98 -35.26 24.61 -16.37
C LEU B 98 -36.50 25.23 -17.02
N THR B 99 -36.49 25.30 -18.34
CA THR B 99 -37.58 25.92 -19.09
C THR B 99 -38.65 24.89 -19.45
N VAL B 100 -39.90 25.19 -19.10
CA VAL B 100 -41.01 24.29 -19.36
C VAL B 100 -41.80 24.72 -20.59
N LYS B 101 -41.81 23.89 -21.62
CA LYS B 101 -42.45 24.26 -22.88
C LYS B 101 -43.54 23.30 -23.36
N LEU B 102 -44.63 23.87 -23.86
CA LEU B 102 -45.63 23.12 -24.60
C LEU B 102 -45.40 23.38 -26.09
N GLY B 103 -44.59 22.54 -26.71
CA GLY B 103 -44.17 22.77 -28.09
C GLY B 103 -43.18 23.92 -28.14
N THR B 104 -43.44 24.88 -29.01
CA THR B 104 -42.58 26.05 -29.11
C THR B 104 -42.91 27.08 -28.04
N VAL B 105 -43.95 26.80 -27.28
CA VAL B 105 -44.51 27.78 -26.34
C VAL B 105 -44.00 27.56 -24.91
N THR B 106 -43.44 28.62 -24.33
CA THR B 106 -42.91 28.58 -22.97
C THR B 106 -44.01 28.72 -21.92
N LEU B 107 -44.11 27.75 -21.02
CA LEU B 107 -45.11 27.79 -19.96
C LEU B 107 -44.57 28.45 -18.70
N GLY B 108 -43.32 28.17 -18.38
CA GLY B 108 -42.69 28.75 -17.21
C GLY B 108 -41.30 28.19 -16.97
N THR B 109 -40.72 28.54 -15.83
CA THR B 109 -39.40 28.03 -15.47
C THR B 109 -39.37 27.56 -14.03
N VAL B 110 -38.47 26.62 -13.73
CA VAL B 110 -38.26 26.17 -12.37
C VAL B 110 -36.78 25.92 -12.09
N ASP B 111 -36.30 26.48 -10.98
CA ASP B 111 -34.92 26.26 -10.57
C ASP B 111 -34.79 24.99 -9.74
N VAL B 112 -33.97 24.06 -10.21
CA VAL B 112 -33.56 22.93 -9.39
C VAL B 112 -32.21 23.26 -8.78
N GLU B 113 -31.87 22.59 -7.69
CA GLU B 113 -30.60 22.88 -7.01
C GLU B 113 -29.74 21.62 -6.87
N VAL B 114 -28.46 21.76 -7.14
CA VAL B 114 -27.52 20.68 -6.92
C VAL B 114 -26.63 20.98 -5.72
N ILE B 115 -26.54 20.04 -4.79
CA ILE B 115 -25.78 20.23 -3.56
C ILE B 115 -24.74 19.15 -3.36
N ASP B 116 -23.83 19.37 -2.42
CA ASP B 116 -22.85 18.36 -2.04
C ASP B 116 -22.67 18.36 -0.53
N THR B 117 -23.21 17.35 0.14
CA THR B 117 -23.11 17.23 1.58
C THR B 117 -22.03 16.25 1.99
N THR B 118 -21.21 15.84 1.03
CA THR B 118 -20.09 14.93 1.27
C THR B 118 -19.20 15.43 2.42
N LEU B 119 -18.68 14.50 3.20
CA LEU B 119 -17.70 14.86 4.22
C LEU B 119 -16.32 14.35 3.83
N LYS B 120 -15.51 15.28 3.30
CA LYS B 120 -14.14 15.00 2.88
C LYS B 120 -13.18 15.49 3.97
N ALA B 121 -12.08 14.76 4.17
CA ALA B 121 -11.06 15.19 5.12
C ALA B 121 -10.41 16.49 4.66
N THR B 122 -10.50 17.52 5.50
CA THR B 122 -10.01 18.84 5.13
C THR B 122 -8.83 19.27 6.00
N VAL B 123 -8.89 18.93 7.29
CA VAL B 123 -7.84 19.31 8.22
C VAL B 123 -7.32 18.11 9.01
N VAL B 124 -6.00 17.94 8.99
CA VAL B 124 -5.36 16.91 9.81
C VAL B 124 -4.27 17.53 10.68
N THR B 125 -4.35 17.30 11.99
CA THR B 125 -3.33 17.78 12.92
C THR B 125 -2.88 16.65 13.84
N LYS B 126 -1.63 16.74 14.28
CA LYS B 126 -1.13 15.81 15.28
C LYS B 126 -1.42 16.37 16.66
N LYS B 127 -1.52 15.49 17.65
CA LYS B 127 -1.72 15.92 19.03
C LYS B 127 -0.37 16.03 19.74
N ALA B 128 0.26 14.89 19.95
CA ALA B 128 1.59 14.85 20.56
C ALA B 128 2.66 14.76 19.48
N ASP B 129 3.87 15.17 19.83
CA ASP B 129 5.00 15.14 18.89
C ASP B 129 5.66 13.76 18.89
N LEU B 130 5.32 12.95 19.87
CA LEU B 130 5.83 11.58 19.94
C LEU B 130 4.83 10.64 20.60
N ILE B 131 4.85 9.37 20.19
CA ILE B 131 4.03 8.33 20.79
C ILE B 131 4.90 7.15 21.19
N GLU B 132 4.51 6.45 22.27
CA GLU B 132 5.25 5.29 22.72
C GLU B 132 4.42 4.01 22.62
N LEU B 133 5.04 2.95 22.11
CA LEU B 133 4.34 1.68 21.95
C LEU B 133 4.54 0.79 23.17
N ASP B 134 3.56 -0.06 23.44
CA ASP B 134 3.66 -1.06 24.50
C ASP B 134 3.23 -2.43 23.97
N ALA B 135 3.07 -3.39 24.87
CA ALA B 135 2.74 -4.75 24.47
C ALA B 135 1.34 -4.87 23.88
N ALA B 136 0.44 -3.98 24.31
CA ALA B 136 -0.94 -4.01 23.85
C ALA B 136 -1.09 -3.60 22.39
N ASP B 137 -0.07 -2.94 21.86
CA ASP B 137 -0.10 -2.47 20.47
C ASP B 137 0.22 -3.58 19.47
N ASN B 138 0.75 -4.69 19.97
CA ASN B 138 0.97 -5.90 19.18
C ASN B 138 1.86 -5.70 17.94
N GLY B 139 2.85 -4.82 18.06
CA GLY B 139 3.82 -4.62 17.00
C GLY B 139 3.33 -3.86 15.79
N ASP B 140 2.32 -3.04 15.96
CA ASP B 140 1.84 -2.19 14.88
C ASP B 140 1.52 -0.79 15.42
N ALA B 141 2.02 0.23 14.73
CA ALA B 141 1.93 1.61 15.23
C ALA B 141 0.78 2.41 14.66
N LEU B 142 -0.02 1.80 13.78
CA LEU B 142 -1.08 2.52 13.10
C LEU B 142 -2.19 2.99 14.05
N ALA B 143 -2.58 2.13 14.98
CA ALA B 143 -3.65 2.44 15.91
C ALA B 143 -3.33 3.66 16.76
N LYS B 144 -2.13 3.68 17.35
CA LYS B 144 -1.71 4.81 18.16
C LYS B 144 -1.43 6.06 17.30
N LEU B 145 -0.93 5.85 16.09
CA LEU B 145 -0.69 6.96 15.17
C LEU B 145 -2.01 7.64 14.81
N LEU B 146 -3.03 6.82 14.60
CA LEU B 146 -4.36 7.33 14.26
C LEU B 146 -4.97 8.06 15.46
N ALA B 147 -4.73 7.53 16.66
CA ALA B 147 -5.24 8.13 17.88
C ALA B 147 -4.51 9.44 18.19
N ASN B 148 -3.39 9.64 17.52
CA ASN B 148 -2.60 10.86 17.71
C ASN B 148 -2.95 11.90 16.65
N LEU B 149 -3.98 11.62 15.86
CA LEU B 149 -4.39 12.51 14.78
C LEU B 149 -5.82 13.00 14.94
N ASP B 150 -6.04 14.28 14.66
CA ASP B 150 -7.39 14.85 14.62
C ASP B 150 -7.74 15.23 13.19
N ILE B 151 -8.81 14.61 12.67
CA ILE B 151 -9.23 14.84 11.29
C ILE B 151 -10.59 15.55 11.25
N LYS B 152 -10.63 16.70 10.55
CA LYS B 152 -11.85 17.48 10.46
C LYS B 152 -12.33 17.61 9.00
N ASP B 153 -13.63 17.87 8.83
CA ASP B 153 -14.20 17.99 7.49
C ASP B 153 -14.31 19.44 7.01
N GLN B 154 -15.29 19.69 6.16
CA GLN B 154 -15.51 21.01 5.58
C GLN B 154 -16.05 21.95 6.65
N ASN B 155 -16.95 21.42 7.47
CA ASN B 155 -17.63 22.22 8.48
C ASN B 155 -16.83 22.34 9.77
N GLY B 156 -15.59 21.87 9.74
CA GLY B 156 -14.74 21.89 10.91
C GLY B 156 -15.15 20.86 11.94
N ASN B 157 -15.97 19.91 11.52
CA ASN B 157 -16.41 18.83 12.39
C ASN B 157 -15.46 17.64 12.36
N PRO B 158 -15.14 17.09 13.53
CA PRO B 158 -14.22 15.96 13.67
C PRO B 158 -14.68 14.74 12.89
N MET B 159 -13.76 14.07 12.21
CA MET B 159 -14.07 12.84 11.51
C MET B 159 -13.61 11.65 12.36
N VAL B 160 -14.57 10.85 12.81
CA VAL B 160 -14.32 9.81 13.80
C VAL B 160 -14.97 8.48 13.43
N ASP B 161 -14.29 7.38 13.76
CA ASP B 161 -14.84 6.05 13.59
C ASP B 161 -16.14 5.87 14.37
N SER B 162 -17.22 5.58 13.65
CA SER B 162 -18.52 5.37 14.27
C SER B 162 -18.79 3.88 14.44
N ALA B 163 -19.16 3.48 15.65
CA ALA B 163 -19.38 2.08 15.96
C ALA B 163 -20.65 1.51 15.34
N ALA B 164 -21.44 2.39 14.72
CA ALA B 164 -22.63 1.95 13.97
C ALA B 164 -22.20 1.07 12.80
N THR B 165 -20.99 1.28 12.32
CA THR B 165 -20.46 0.51 11.21
C THR B 165 -19.21 -0.25 11.63
N PRO B 166 -19.39 -1.48 12.16
CA PRO B 166 -18.28 -2.27 12.70
C PRO B 166 -17.19 -2.57 11.68
N ASN B 167 -17.56 -2.65 10.40
CA ASN B 167 -16.64 -3.13 9.39
C ASN B 167 -15.88 -2.03 8.62
N THR B 168 -16.12 -0.77 8.98
CA THR B 168 -15.42 0.33 8.32
C THR B 168 -15.10 1.52 9.24
N ASN B 169 -13.82 1.65 9.58
CA ASN B 169 -13.33 2.78 10.36
C ASN B 169 -13.39 4.06 9.53
N GLU B 170 -14.28 4.98 9.89
CA GLU B 170 -14.45 6.22 9.15
C GLU B 170 -13.21 7.11 9.24
N LYS B 171 -12.57 7.13 10.40
CA LYS B 171 -11.40 7.97 10.65
C LYS B 171 -10.23 7.57 9.75
N LEU B 172 -9.96 6.28 9.67
CA LEU B 172 -8.86 5.78 8.85
C LEU B 172 -9.08 6.08 7.37
N GLN B 173 -10.25 5.72 6.86
CA GLN B 173 -10.57 5.93 5.44
C GLN B 173 -10.51 7.40 5.04
N ALA B 174 -10.80 8.28 6.00
CA ALA B 174 -10.68 9.72 5.75
C ALA B 174 -9.22 10.12 5.64
N LEU B 175 -8.39 9.51 6.47
CA LEU B 175 -6.96 9.74 6.43
C LEU B 175 -6.38 9.25 5.11
N LYS B 176 -6.77 8.04 4.71
CA LYS B 176 -6.26 7.45 3.48
C LYS B 176 -6.73 8.22 2.23
N SER B 177 -7.84 8.92 2.36
CA SER B 177 -8.39 9.66 1.23
C SER B 177 -7.56 10.90 0.91
N VAL B 178 -6.75 11.34 1.86
CA VAL B 178 -5.91 12.53 1.67
C VAL B 178 -4.42 12.21 1.79
N LEU B 179 -4.11 11.03 2.29
CA LEU B 179 -2.72 10.65 2.52
C LEU B 179 -2.03 10.17 1.24
N SER B 180 -0.82 10.67 1.00
CA SER B 180 -0.03 10.22 -0.15
C SER B 180 0.98 9.16 0.24
N GLY B 181 1.39 9.17 1.51
CA GLY B 181 2.32 8.17 2.01
C GLY B 181 2.96 8.53 3.34
N ILE B 182 3.51 7.50 4.00
CA ILE B 182 4.20 7.66 5.26
C ILE B 182 5.68 7.30 5.07
N VAL B 183 6.57 8.25 5.37
CA VAL B 183 8.00 7.98 5.31
C VAL B 183 8.57 7.73 6.70
N SER B 184 9.34 6.66 6.83
CA SER B 184 10.04 6.36 8.07
C SER B 184 11.50 6.77 7.98
N SER B 185 12.06 7.22 9.10
CA SER B 185 13.46 7.60 9.14
C SER B 185 14.36 6.36 9.17
N ASP B 186 13.79 5.23 9.54
CA ASP B 186 14.53 3.98 9.55
C ASP B 186 13.65 2.82 9.08
N THR B 187 13.89 2.38 7.84
CA THR B 187 13.16 1.26 7.24
C THR B 187 13.23 0.01 8.13
N SER B 188 14.39 -0.19 8.76
CA SER B 188 14.62 -1.39 9.54
C SER B 188 13.76 -1.50 10.81
N VAL B 189 13.30 -0.35 11.31
CA VAL B 189 12.46 -0.35 12.51
C VAL B 189 10.98 -0.40 12.16
N ILE B 190 10.53 0.62 11.43
CA ILE B 190 9.16 0.65 10.89
C ILE B 190 9.26 0.91 9.40
N GLY B 191 8.62 0.06 8.59
CA GLY B 191 8.66 0.21 7.15
C GLY B 191 7.89 1.43 6.67
N SER B 192 8.34 2.00 5.56
CA SER B 192 7.64 3.11 4.94
C SER B 192 6.46 2.61 4.12
N VAL B 193 5.44 3.46 3.99
CA VAL B 193 4.24 3.10 3.22
C VAL B 193 4.11 3.97 1.97
N SER B 194 4.31 3.35 0.81
CA SER B 194 4.18 4.03 -0.47
C SER B 194 2.77 3.87 -1.03
N ASN B 195 2.09 2.82 -0.59
CA ASN B 195 0.73 2.53 -1.02
C ASN B 195 -0.21 2.53 0.18
N VAL B 196 -1.01 3.59 0.29
CA VAL B 196 -1.85 3.80 1.46
C VAL B 196 -2.94 2.75 1.64
N ASP B 197 -3.18 1.93 0.62
CA ASP B 197 -4.16 0.86 0.73
C ASP B 197 -3.67 -0.26 1.66
N ASN B 198 -2.40 -0.18 2.06
CA ASN B 198 -1.84 -1.16 3.00
C ASN B 198 -2.21 -0.84 4.43
N LEU B 199 -2.74 0.37 4.65
CA LEU B 199 -3.33 0.72 5.94
C LEU B 199 -4.73 0.12 5.96
N LYS B 200 -4.91 -0.93 6.75
CA LYS B 200 -6.09 -1.77 6.60
C LYS B 200 -7.22 -1.55 7.61
N ASP B 201 -8.43 -1.43 7.08
CA ASP B 201 -9.64 -1.30 7.88
C ASP B 201 -10.23 -2.69 8.13
N ASP B 202 -9.46 -3.55 8.78
CA ASP B 202 -9.90 -4.92 9.04
C ASP B 202 -10.37 -5.09 10.47
N ALA B 203 -10.45 -6.35 10.92
CA ALA B 203 -10.87 -6.66 12.29
C ALA B 203 -9.97 -5.93 13.28
N SER B 204 -8.67 -6.00 13.05
CA SER B 204 -7.71 -5.18 13.78
C SER B 204 -7.11 -4.14 12.83
N ILE B 205 -6.52 -3.10 13.39
CA ILE B 205 -5.96 -2.01 12.59
C ILE B 205 -4.46 -2.20 12.39
N SER B 206 -4.05 -2.42 11.15
CA SER B 206 -2.64 -2.70 10.86
C SER B 206 -2.13 -1.99 9.61
N GLY B 207 -0.81 -1.98 9.46
CA GLY B 207 -0.17 -1.34 8.31
C GLY B 207 1.25 -0.95 8.63
N LEU B 208 1.45 -0.39 9.81
CA LEU B 208 2.78 0.02 10.26
C LEU B 208 3.40 -1.02 11.17
N ALA B 209 3.84 -2.14 10.59
CA ALA B 209 4.44 -3.22 11.35
C ALA B 209 5.77 -2.84 11.98
N VAL B 210 5.94 -3.24 13.24
CA VAL B 210 7.20 -3.02 13.94
C VAL B 210 8.12 -4.21 13.73
N LYS B 211 9.32 -3.93 13.21
CA LYS B 211 10.25 -5.00 12.83
C LYS B 211 11.29 -5.26 13.91
N LYS B 212 11.61 -4.23 14.69
CA LYS B 212 12.51 -4.37 15.84
C LYS B 212 12.35 -3.14 16.72
N ALA B 213 12.93 -3.17 17.91
CA ALA B 213 12.90 -1.99 18.78
C ALA B 213 13.77 -0.90 18.21
N GLY B 214 13.33 0.34 18.38
CA GLY B 214 14.04 1.50 17.87
C GLY B 214 13.17 2.74 17.95
N THR B 215 13.71 3.88 17.53
CA THR B 215 12.95 5.12 17.51
C THR B 215 13.03 5.77 16.14
N VAL B 216 11.88 5.91 15.49
CA VAL B 216 11.83 6.53 14.17
C VAL B 216 10.93 7.76 14.15
N THR B 217 11.12 8.59 13.13
CA THR B 217 10.18 9.66 12.85
C THR B 217 9.31 9.24 11.67
N LEU B 218 8.00 9.22 11.88
CA LEU B 218 7.08 8.92 10.79
C LEU B 218 6.53 10.22 10.21
N THR B 219 6.93 10.54 8.99
CA THR B 219 6.47 11.74 8.31
C THR B 219 5.28 11.44 7.39
N LEU B 220 4.12 11.99 7.73
CA LEU B 220 2.94 11.81 6.90
C LEU B 220 2.86 12.88 5.80
N VAL B 221 2.81 12.42 4.55
CA VAL B 221 2.70 13.33 3.40
C VAL B 221 1.31 13.22 2.77
N PHE B 222 0.67 14.36 2.54
CA PHE B 222 -0.68 14.40 2.01
C PHE B 222 -0.69 14.88 0.56
N ASN B 223 -1.84 14.80 -0.11
CA ASN B 223 -1.94 15.18 -1.52
C ASN B 223 -1.95 16.70 -1.74
N GLU B 224 -1.95 17.11 -3.00
CA GLU B 224 -1.95 18.54 -3.33
C GLU B 224 -3.29 19.20 -3.06
N ASP B 225 -4.38 18.49 -3.38
CA ASP B 225 -5.72 19.03 -3.19
C ASP B 225 -5.98 19.42 -1.74
N SER B 226 -5.46 18.62 -0.82
CA SER B 226 -5.64 18.88 0.60
C SER B 226 -4.92 20.14 1.04
N LYS B 227 -3.81 20.44 0.37
CA LYS B 227 -2.94 21.56 0.74
C LYS B 227 -2.43 21.46 2.19
N ILE B 228 -2.51 20.26 2.76
CA ILE B 228 -2.05 20.01 4.12
C ILE B 228 -0.55 19.75 4.14
N ALA B 229 0.16 20.45 5.00
CA ALA B 229 1.61 20.29 5.12
C ALA B 229 1.96 18.94 5.72
N PRO B 230 3.17 18.43 5.44
CA PRO B 230 3.63 17.19 6.06
C PRO B 230 3.58 17.22 7.58
N ILE B 231 3.11 16.14 8.20
CA ILE B 231 3.09 16.02 9.65
C ILE B 231 4.09 14.98 10.14
N ALA B 232 5.06 15.43 10.92
CA ALA B 232 6.08 14.56 11.48
C ALA B 232 5.73 14.07 12.88
N ILE B 233 5.75 12.75 13.06
CA ILE B 233 5.47 12.15 14.35
C ILE B 233 6.53 11.11 14.73
N THR B 234 7.23 11.36 15.83
CA THR B 234 8.21 10.41 16.34
C THR B 234 7.51 9.23 17.01
N VAL B 235 7.91 8.02 16.65
CA VAL B 235 7.33 6.83 17.26
C VAL B 235 8.39 5.99 17.97
N LYS B 236 8.17 5.73 19.26
CA LYS B 236 9.09 4.91 20.03
C LYS B 236 8.56 3.50 20.25
N ALA B 237 9.42 2.51 20.00
CA ALA B 237 9.09 1.12 20.27
C ALA B 237 10.17 0.49 21.13
N PRO B 238 9.95 0.44 22.45
CA PRO B 238 10.93 -0.12 23.39
C PRO B 238 11.19 -1.60 23.12
CA CA C . 4.25 -10.24 -2.35
CA CA D . 13.12 -6.29 -16.93
CA CA E . 23.71 -26.79 12.50
CA CA F . 11.40 -16.04 -2.14
CA CA G . -25.54 11.01 -4.48
CA CA H . -34.65 15.32 -4.41
CA CA I . -25.84 25.54 -16.19
CA CA J . -16.90 2.21 11.90
#